data_7D27
#
_entry.id   7D27
#
_cell.length_a   119.960
_cell.length_b   119.960
_cell.length_c   116.730
_cell.angle_alpha   90.000
_cell.angle_beta   90.000
_cell.angle_gamma   90.000
#
_symmetry.space_group_name_H-M   'P 42 21 2'
#
loop_
_entity.id
_entity.type
_entity.pdbx_description
1 polymer 'UDP-N-acetylmuramoyl-L-alanyl-D-glutamate--2,6-diaminopimelate ligase'
2 water water
#
_entity_poly.entity_id   1
_entity_poly.type   'polypeptide(L)'
_entity_poly.pdbx_seq_one_letter_code
;MTVSFQEIHPIEIDAQWPRQPFYGFSLDSRKVETGQIFIALTSYSQPEKTRTFAEAALANGALAVISETELGVANEWVCP
DVRQRMGEWQKRYLQQADVVKPLRIIAVTGTNGKTTISRLIAELISSQQQRCAVMGTTGNGILPNLTPSTHTTLDALQLQ
NALHDYAKQGATFASLEASSHGLEQGRLNGCDIEIAVYSNLSRDHLDYHGTLEAYAEAKARLFQFNSLKVAVINLDDAHA
DLMIKSAQNNPAQPKILTYSLTQNTADYYIADLDYSLAGATFNLVSQQGSFAVESPLLGHFNVENLIAALIAAEQAGFDL
QALVDFVPKLIGAPGRMQVIRDDERLFVVDYAHTPDALIQVLKTLKRHVSNQLWAVFGCGGDRDRGKRPLMTQAALDGAN
PVILTSDNPRTEDPEQIFADMKQGIDFSGHRMHEIHDRREAIKFVAEQAQAGDIVVIAGKGHENYQEINGVRHWFDDVVE
VRSAIDAQHHTVDAAYPAQ
;
_entity_poly.pdbx_strand_id   A
#
# COMPACT_ATOMS: atom_id res chain seq x y z
N MET A 1 -25.89 2.19 -26.97
CA MET A 1 -25.36 1.68 -28.25
C MET A 1 -25.27 0.17 -28.26
N THR A 2 -25.55 -0.42 -29.43
CA THR A 2 -25.18 -1.81 -29.70
C THR A 2 -23.71 -1.85 -30.11
N VAL A 3 -22.97 -2.85 -29.59
CA VAL A 3 -21.51 -2.93 -29.76
C VAL A 3 -21.13 -4.29 -30.34
N SER A 4 -20.28 -4.28 -31.37
CA SER A 4 -19.76 -5.53 -31.92
C SER A 4 -18.26 -5.64 -31.64
N PHE A 5 -17.74 -6.88 -31.72
CA PHE A 5 -16.31 -7.08 -31.51
C PHE A 5 -15.49 -6.45 -32.64
N GLN A 6 -16.00 -6.45 -33.88
CA GLN A 6 -15.26 -5.82 -34.98
C GLN A 6 -14.96 -4.36 -34.68
N GLU A 7 -15.86 -3.65 -34.00
CA GLU A 7 -15.62 -2.26 -33.67
C GLU A 7 -14.55 -2.09 -32.59
N ILE A 8 -14.35 -3.11 -31.77
CA ILE A 8 -13.37 -3.05 -30.70
C ILE A 8 -11.97 -3.36 -31.23
N HIS A 9 -11.86 -4.41 -32.03
CA HIS A 9 -10.59 -4.89 -32.54
C HIS A 9 -10.87 -5.71 -33.80
N PRO A 10 -10.95 -5.09 -34.97
CA PRO A 10 -11.43 -5.81 -36.15
C PRO A 10 -10.44 -6.88 -36.59
N ILE A 11 -10.98 -8.02 -37.06
CA ILE A 11 -10.20 -9.18 -37.52
C ILE A 11 -10.85 -9.73 -38.78
N GLU A 12 -10.06 -10.46 -39.59
CA GLU A 12 -10.58 -11.21 -40.74
C GLU A 12 -10.79 -12.65 -40.34
N ILE A 13 -12.04 -13.12 -40.40
CA ILE A 13 -12.32 -14.46 -39.93
C ILE A 13 -13.61 -14.95 -40.59
N ASP A 14 -13.62 -16.22 -40.97
CA ASP A 14 -14.77 -16.84 -41.63
C ASP A 14 -15.83 -17.15 -40.58
N ALA A 15 -16.44 -16.10 -40.05
CA ALA A 15 -17.46 -16.31 -39.03
C ALA A 15 -18.24 -15.04 -38.85
N GLN A 16 -19.51 -15.19 -38.49
CA GLN A 16 -20.40 -14.06 -38.29
C GLN A 16 -20.31 -13.44 -36.90
N TRP A 17 -19.85 -14.18 -35.89
CA TRP A 17 -19.90 -13.66 -34.51
C TRP A 17 -19.18 -12.33 -34.31
N PRO A 18 -18.07 -12.00 -35.00
CA PRO A 18 -17.46 -10.68 -34.76
C PRO A 18 -18.37 -9.51 -35.12
N ARG A 19 -19.40 -9.73 -35.94
CA ARG A 19 -20.33 -8.67 -36.38
C ARG A 19 -21.56 -8.55 -35.50
N GLN A 20 -21.77 -9.47 -34.56
CA GLN A 20 -22.93 -9.55 -33.68
C GLN A 20 -22.78 -8.63 -32.48
N PRO A 21 -23.89 -8.31 -31.81
CA PRO A 21 -23.79 -7.63 -30.53
C PRO A 21 -23.19 -8.54 -29.48
N PHE A 22 -22.31 -7.97 -28.64
CA PHE A 22 -21.78 -8.70 -27.50
C PHE A 22 -21.83 -7.75 -26.32
N TYR A 23 -21.72 -8.29 -25.12
CA TYR A 23 -21.93 -7.48 -23.91
C TYR A 23 -20.70 -7.43 -23.02
N GLY A 24 -19.52 -7.30 -23.63
CA GLY A 24 -18.27 -7.17 -22.89
C GLY A 24 -17.53 -8.50 -22.77
N PHE A 25 -16.37 -8.43 -22.14
CA PHE A 25 -15.48 -9.55 -22.00
C PHE A 25 -15.52 -10.12 -20.59
N SER A 26 -15.17 -11.39 -20.48
CA SER A 26 -15.23 -12.04 -19.18
C SER A 26 -14.15 -13.10 -19.09
N LEU A 27 -13.58 -13.24 -17.89
CA LEU A 27 -12.51 -14.19 -17.58
C LEU A 27 -13.00 -15.36 -16.75
N ASP A 28 -14.32 -15.53 -16.63
CA ASP A 28 -14.95 -16.40 -15.64
C ASP A 28 -16.00 -17.28 -16.32
N SER A 29 -15.62 -18.53 -16.65
CA SER A 29 -16.57 -19.39 -17.38
C SER A 29 -17.81 -19.71 -16.58
N ARG A 30 -17.75 -19.65 -15.25
CA ARG A 30 -18.92 -19.98 -14.45
C ARG A 30 -19.98 -18.89 -14.57
N LYS A 31 -19.59 -17.64 -14.33
CA LYS A 31 -20.54 -16.53 -14.26
C LYS A 31 -20.58 -15.68 -15.53
N VAL A 32 -20.05 -16.17 -16.65
CA VAL A 32 -20.12 -15.40 -17.89
C VAL A 32 -21.58 -15.20 -18.27
N GLU A 33 -21.93 -13.98 -18.67
CA GLU A 33 -23.29 -13.64 -19.07
C GLU A 33 -23.51 -13.94 -20.55
N THR A 34 -24.77 -14.01 -20.95
CA THR A 34 -25.09 -14.41 -22.31
C THR A 34 -24.71 -13.33 -23.32
N GLY A 35 -23.97 -13.72 -24.35
CA GLY A 35 -23.47 -12.77 -25.33
C GLY A 35 -22.20 -12.05 -24.92
N GLN A 36 -21.61 -12.42 -23.80
CA GLN A 36 -20.25 -11.99 -23.48
C GLN A 36 -19.26 -12.85 -24.25
N ILE A 37 -18.09 -12.29 -24.52
CA ILE A 37 -17.02 -13.02 -25.18
C ILE A 37 -16.06 -13.47 -24.11
N PHE A 38 -15.70 -14.75 -24.14
CA PHE A 38 -14.87 -15.33 -23.09
C PHE A 38 -13.41 -15.23 -23.47
N ILE A 39 -12.58 -14.81 -22.53
CA ILE A 39 -11.14 -14.76 -22.75
C ILE A 39 -10.54 -15.97 -22.05
N ALA A 40 -9.86 -16.81 -22.82
CA ALA A 40 -9.35 -18.10 -22.33
C ALA A 40 -7.84 -17.95 -22.14
N LEU A 41 -7.44 -17.56 -20.94
CA LEU A 41 -6.02 -17.58 -20.61
C LEU A 41 -5.61 -19.00 -20.27
N THR A 42 -4.44 -19.41 -20.76
CA THR A 42 -4.10 -20.84 -20.79
C THR A 42 -3.90 -21.46 -19.41
N SER A 43 -4.02 -20.70 -18.32
CA SER A 43 -4.18 -21.28 -16.98
C SER A 43 -3.04 -22.25 -16.63
N TYR A 44 -1.83 -21.72 -16.60
CA TYR A 44 -0.65 -22.53 -16.28
C TYR A 44 -0.70 -23.05 -14.85
N GLN A 46 -2.70 -25.95 -15.10
CA GLN A 46 -3.14 -27.11 -15.86
C GLN A 46 -3.68 -26.69 -17.24
N PRO A 47 -2.81 -26.79 -18.26
CA PRO A 47 -3.23 -26.40 -19.62
C PRO A 47 -4.47 -27.11 -20.13
N GLU A 48 -4.75 -28.34 -19.68
CA GLU A 48 -5.96 -29.03 -20.15
C GLU A 48 -7.23 -28.48 -19.51
N LYS A 49 -7.10 -27.81 -18.37
CA LYS A 49 -8.25 -27.14 -17.76
C LYS A 49 -8.85 -26.11 -18.71
N THR A 50 -7.96 -25.41 -19.45
CA THR A 50 -8.37 -24.24 -20.23
C THR A 50 -9.45 -24.57 -21.24
N ARG A 51 -9.28 -25.67 -21.99
CA ARG A 51 -10.28 -25.99 -23.01
C ARG A 51 -11.63 -26.30 -22.38
N THR A 52 -11.64 -26.90 -21.20
CA THR A 52 -12.90 -27.20 -20.53
C THR A 52 -13.55 -25.92 -20.02
N PHE A 53 -12.74 -25.00 -19.51
CA PHE A 53 -13.27 -23.69 -19.13
C PHE A 53 -13.91 -23.00 -20.32
N ALA A 54 -13.20 -22.96 -21.45
CA ALA A 54 -13.73 -22.30 -22.65
C ALA A 54 -15.02 -22.97 -23.10
N GLU A 55 -15.08 -24.30 -22.98
CA GLU A 55 -16.27 -25.01 -23.39
C GLU A 55 -17.43 -24.74 -22.43
N ALA A 56 -17.15 -24.72 -21.12
CA ALA A 56 -18.19 -24.35 -20.16
C ALA A 56 -18.73 -22.97 -20.46
N ALA A 57 -17.83 -22.02 -20.77
CA ALA A 57 -18.24 -20.65 -21.08
C ALA A 57 -19.16 -20.61 -22.29
N LEU A 58 -18.76 -21.28 -23.38
CA LEU A 58 -19.65 -21.39 -24.53
C LEU A 58 -20.99 -21.98 -24.13
N ALA A 59 -20.98 -22.99 -23.24
CA ALA A 59 -22.21 -23.63 -22.81
C ALA A 59 -23.08 -22.67 -22.00
N ASN A 60 -22.47 -21.77 -21.23
CA ASN A 60 -23.21 -20.81 -20.43
C ASN A 60 -23.60 -19.55 -21.20
N GLY A 61 -23.51 -19.55 -22.52
CA GLY A 61 -24.03 -18.44 -23.30
C GLY A 61 -23.01 -17.48 -23.87
N ALA A 62 -21.72 -17.70 -23.64
CA ALA A 62 -20.69 -16.90 -24.29
C ALA A 62 -20.91 -16.88 -25.80
N LEU A 63 -20.73 -15.70 -26.41
CA LEU A 63 -20.86 -15.60 -27.86
C LEU A 63 -19.65 -16.21 -28.56
N ALA A 64 -18.47 -16.12 -27.94
CA ALA A 64 -17.25 -16.59 -28.59
C ALA A 64 -16.15 -16.68 -27.55
N VAL A 65 -14.99 -17.13 -28.00
CA VAL A 65 -13.82 -17.33 -27.15
C VAL A 65 -12.60 -16.78 -27.88
N ILE A 66 -11.86 -15.91 -27.20
CA ILE A 66 -10.54 -15.50 -27.64
C ILE A 66 -9.55 -16.16 -26.70
N SER A 67 -8.58 -16.88 -27.27
CA SER A 67 -7.66 -17.66 -26.46
C SER A 67 -6.21 -17.32 -26.80
N GLU A 68 -5.33 -17.52 -25.82
CA GLU A 68 -3.89 -17.40 -26.04
C GLU A 68 -3.36 -18.47 -26.98
N THR A 69 -3.97 -19.65 -26.98
CA THR A 69 -3.49 -20.77 -27.78
C THR A 69 -4.66 -21.44 -28.45
N GLU A 70 -4.33 -22.29 -29.43
CA GLU A 70 -5.33 -23.15 -30.05
C GLU A 70 -5.92 -24.11 -29.02
N LEU A 71 -7.24 -24.06 -28.87
CA LEU A 71 -7.97 -24.91 -27.94
C LEU A 71 -8.98 -25.81 -28.62
N GLY A 72 -9.19 -25.66 -29.92
CA GLY A 72 -10.19 -26.46 -30.62
C GLY A 72 -11.64 -26.20 -30.28
N VAL A 73 -11.98 -25.05 -29.73
CA VAL A 73 -13.38 -24.79 -29.41
C VAL A 73 -14.04 -24.05 -30.58
N ALA A 74 -15.37 -24.04 -30.60
CA ALA A 74 -16.09 -23.33 -31.65
C ALA A 74 -16.09 -21.84 -31.37
N ASN A 75 -16.33 -21.06 -32.42
CA ASN A 75 -16.37 -19.59 -32.32
C ASN A 75 -15.12 -19.07 -31.64
N GLU A 76 -13.98 -19.51 -32.16
CA GLU A 76 -12.71 -19.28 -31.52
C GLU A 76 -11.85 -18.34 -32.36
N TRP A 77 -11.16 -17.43 -31.69
CA TRP A 77 -10.09 -16.66 -32.31
C TRP A 77 -8.85 -16.75 -31.44
N VAL A 78 -7.75 -17.20 -32.04
CA VAL A 78 -6.52 -17.38 -31.29
C VAL A 78 -5.71 -16.09 -31.38
N CYS A 79 -5.42 -15.50 -30.22
CA CYS A 79 -4.71 -14.23 -30.14
C CYS A 79 -3.67 -14.38 -29.02
N PRO A 80 -2.43 -14.71 -29.37
CA PRO A 80 -1.45 -15.07 -28.32
C PRO A 80 -1.19 -13.98 -27.29
N ASP A 81 -1.29 -12.69 -27.62
CA ASP A 81 -1.03 -11.66 -26.61
C ASP A 81 -2.31 -11.04 -26.05
N VAL A 82 -3.43 -11.78 -26.07
CA VAL A 82 -4.70 -11.22 -25.58
C VAL A 82 -4.59 -10.70 -24.16
N ARG A 83 -3.72 -11.32 -23.34
CA ARG A 83 -3.56 -10.88 -21.97
C ARG A 83 -3.11 -9.42 -21.90
N GLN A 84 -2.37 -8.96 -22.92
CA GLN A 84 -1.89 -7.59 -22.98
C GLN A 84 -2.83 -6.62 -23.69
N ARG A 85 -3.85 -7.11 -24.37
CA ARG A 85 -4.71 -6.19 -25.12
C ARG A 85 -6.08 -6.14 -24.49
N MET A 86 -6.36 -7.00 -23.54
CA MET A 86 -7.75 -7.16 -23.13
C MET A 86 -8.24 -6.01 -22.25
N GLY A 87 -7.35 -5.35 -21.51
CA GLY A 87 -7.79 -4.19 -20.76
C GLY A 87 -8.26 -3.08 -21.68
N GLU A 88 -7.46 -2.80 -22.73
CA GLU A 88 -7.85 -1.85 -23.76
C GLU A 88 -9.18 -2.26 -24.42
N TRP A 89 -9.32 -3.53 -24.77
CA TRP A 89 -10.57 -3.96 -25.41
C TRP A 89 -11.79 -3.72 -24.50
N GLN A 90 -11.65 -3.98 -23.20
CA GLN A 90 -12.79 -3.82 -22.33
C GLN A 90 -13.11 -2.35 -22.12
N LYS A 91 -12.07 -1.51 -22.03
CA LYS A 91 -12.33 -0.08 -21.94
C LYS A 91 -13.07 0.40 -23.18
N ARG A 92 -12.59 -0.01 -24.36
CA ARG A 92 -13.28 0.35 -25.59
C ARG A 92 -14.73 -0.10 -25.55
N TYR A 93 -14.97 -1.35 -25.14
CA TYR A 93 -16.34 -1.83 -24.98
C TYR A 93 -17.18 -0.88 -24.13
N LEU A 94 -16.63 -0.45 -23.01
CA LEU A 94 -17.41 0.40 -22.09
C LEU A 94 -17.68 1.78 -22.69
N GLN A 95 -16.69 2.34 -23.41
CA GLN A 95 -16.90 3.64 -24.05
C GLN A 95 -17.86 3.54 -25.23
N GLN A 96 -17.93 2.37 -25.88
CA GLN A 96 -18.92 2.19 -26.92
C GLN A 96 -20.30 2.06 -26.32
N ALA A 97 -20.42 1.28 -25.23
CA ALA A 97 -21.72 0.94 -24.70
C ALA A 97 -22.31 2.08 -23.88
N ASP A 98 -21.47 2.88 -23.23
CA ASP A 98 -21.92 3.83 -22.23
C ASP A 98 -20.87 4.90 -22.04
N VAL A 99 -20.60 5.65 -23.11
CA VAL A 99 -19.51 6.62 -23.14
C VAL A 99 -19.57 7.59 -21.95
N VAL A 100 -18.41 7.84 -21.35
CA VAL A 100 -18.24 8.82 -20.28
C VAL A 100 -16.98 9.59 -20.58
N LYS A 101 -16.91 10.75 -19.99
CA LYS A 101 -15.68 11.52 -20.00
C LYS A 101 -14.61 10.76 -19.22
N PRO A 102 -13.43 10.53 -19.79
CA PRO A 102 -12.44 9.69 -19.11
C PRO A 102 -11.97 10.26 -17.78
N LEU A 103 -11.56 9.36 -16.87
CA LEU A 103 -10.79 9.72 -15.68
C LEU A 103 -9.38 10.15 -16.06
N ARG A 104 -8.82 11.03 -15.25
CA ARG A 104 -7.38 11.28 -15.27
C ARG A 104 -6.69 10.37 -14.25
N ILE A 105 -5.68 9.62 -14.70
CA ILE A 105 -5.18 8.45 -13.95
C ILE A 105 -3.75 8.71 -13.51
N ILE A 106 -3.51 8.60 -12.21
CA ILE A 106 -2.17 8.64 -11.62
C ILE A 106 -1.84 7.27 -11.06
N ALA A 107 -0.62 6.81 -11.26
CA ALA A 107 -0.19 5.50 -10.80
C ALA A 107 1.19 5.58 -10.16
N VAL A 108 1.37 4.82 -9.08
CA VAL A 108 2.63 4.76 -8.35
C VAL A 108 3.15 3.32 -8.39
N THR A 109 4.43 3.19 -8.65
CA THR A 109 5.08 1.90 -8.63
C THR A 109 6.31 1.99 -7.73
N GLY A 110 6.62 0.88 -7.09
CA GLY A 110 7.61 0.86 -6.04
C GLY A 110 7.43 -0.34 -5.13
N THR A 111 8.53 -0.78 -4.52
CA THR A 111 8.42 -1.86 -3.55
C THR A 111 7.62 -1.42 -2.34
N ASN A 112 7.86 -0.20 -1.84
CA ASN A 112 7.22 0.31 -0.63
C ASN A 112 6.62 1.68 -0.91
N GLY A 113 5.57 2.01 -0.16
CA GLY A 113 4.95 3.32 -0.23
C GLY A 113 3.77 3.41 -1.16
N LYS A 114 3.55 2.41 -2.02
CA LYS A 114 2.49 2.46 -3.00
C LYS A 114 1.15 2.84 -2.39
N THR A 115 0.76 2.17 -1.30
CA THR A 115 -0.52 2.48 -0.68
C THR A 115 -0.54 3.88 -0.12
N THR A 116 0.50 4.27 0.64
CA THR A 116 0.50 5.57 1.27
C THR A 116 0.49 6.70 0.24
N ILE A 117 1.36 6.61 -0.77
CA ILE A 117 1.42 7.67 -1.77
C ILE A 117 0.11 7.74 -2.55
N SER A 118 -0.36 6.59 -3.02
CA SER A 118 -1.65 6.46 -3.67
C SER A 118 -2.75 7.18 -2.89
N ARG A 119 -2.89 6.88 -1.59
CA ARG A 119 -3.98 7.47 -0.82
C ARG A 119 -3.73 8.96 -0.54
N LEU A 120 -2.49 9.38 -0.30
CA LEU A 120 -2.25 10.80 -0.09
C LEU A 120 -2.60 11.62 -1.32
N ILE A 121 -2.23 11.11 -2.50
CA ILE A 121 -2.61 11.75 -3.76
C ILE A 121 -4.12 11.90 -3.84
N ALA A 122 -4.84 10.80 -3.59
CA ALA A 122 -6.30 10.90 -3.64
C ALA A 122 -6.82 11.96 -2.66
N GLU A 123 -6.25 12.01 -1.45
CA GLU A 123 -6.74 12.91 -0.41
C GLU A 123 -6.46 14.37 -0.77
N LEU A 124 -5.28 14.65 -1.29
CA LEU A 124 -4.95 16.01 -1.74
C LEU A 124 -5.90 16.47 -2.85
N ILE A 125 -5.97 15.68 -3.94
CA ILE A 125 -6.80 16.05 -5.06
C ILE A 125 -8.24 16.26 -4.60
N SER A 126 -8.72 15.37 -3.73
CA SER A 126 -10.06 15.53 -3.21
C SER A 126 -10.20 16.80 -2.38
N SER A 127 -9.14 17.18 -1.67
CA SER A 127 -9.22 18.42 -0.91
C SER A 127 -9.43 19.60 -1.83
N GLN A 128 -8.96 19.52 -3.07
CA GLN A 128 -9.20 20.62 -4.00
C GLN A 128 -10.53 20.50 -4.72
N GLN A 129 -11.51 19.93 -4.05
CA GLN A 129 -12.90 19.78 -4.49
C GLN A 129 -13.04 18.95 -5.77
N GLN A 130 -11.98 18.28 -6.24
CA GLN A 130 -12.23 17.20 -7.19
C GLN A 130 -12.65 15.95 -6.43
N ARG A 131 -13.18 14.98 -7.17
CA ARG A 131 -13.46 13.65 -6.63
C ARG A 131 -12.43 12.69 -7.22
N CYS A 132 -11.75 11.95 -6.34
CA CYS A 132 -10.66 11.05 -6.74
C CYS A 132 -10.98 9.63 -6.28
N ALA A 133 -10.87 8.68 -7.21
CA ALA A 133 -10.92 7.26 -6.88
C ALA A 133 -9.52 6.77 -6.50
N VAL A 134 -9.48 5.80 -5.61
CA VAL A 134 -8.24 5.15 -5.24
C VAL A 134 -8.47 3.65 -5.34
N MET A 135 -7.49 2.94 -5.86
CA MET A 135 -7.58 1.48 -5.99
C MET A 135 -6.30 0.86 -5.47
N GLY A 136 -6.42 0.05 -4.44
CA GLY A 136 -5.27 -0.66 -3.91
C GLY A 136 -5.65 -1.63 -2.82
N THR A 137 -4.60 -2.11 -2.13
CA THR A 137 -4.73 -3.21 -1.17
C THR A 137 -5.45 -2.82 0.11
N THR A 138 -5.80 -1.55 0.32
CA THR A 138 -6.68 -1.25 1.43
C THR A 138 -8.12 -0.98 0.99
N GLY A 139 -8.37 -0.96 -0.32
CA GLY A 139 -9.72 -0.74 -0.79
C GLY A 139 -9.75 -0.09 -2.16
N ASN A 140 -10.97 -0.05 -2.70
CA ASN A 140 -11.26 0.54 -4.00
C ASN A 140 -12.44 1.48 -3.86
N GLY A 141 -12.34 2.68 -4.43
CA GLY A 141 -13.52 3.50 -4.56
C GLY A 141 -13.23 4.97 -4.37
N ILE A 142 -14.32 5.72 -4.17
CA ILE A 142 -14.30 7.17 -3.97
C ILE A 142 -14.09 7.46 -2.50
N LEU A 143 -13.26 8.46 -2.20
CA LEU A 143 -13.04 8.85 -0.81
C LEU A 143 -14.36 9.36 -0.24
N PRO A 144 -14.86 8.79 0.87
CA PRO A 144 -14.16 7.93 1.83
C PRO A 144 -14.48 6.42 1.87
N ASN A 145 -15.44 5.92 1.08
CA ASN A 145 -15.90 4.54 1.22
C ASN A 145 -15.19 3.65 0.21
N LEU A 146 -14.45 2.66 0.72
CA LEU A 146 -13.66 1.78 -0.13
C LEU A 146 -14.08 0.33 0.04
N THR A 147 -13.89 -0.45 -1.02
CA THR A 147 -14.28 -1.86 -1.13
C THR A 147 -13.09 -2.79 -0.82
N PRO A 148 -12.88 -3.19 0.45
CA PRO A 148 -11.71 -4.02 0.78
C PRO A 148 -12.02 -5.52 0.78
N HIS A 151 -11.76 -10.34 -3.74
CA HIS A 151 -10.66 -10.53 -4.69
C HIS A 151 -9.35 -9.98 -4.10
N THR A 152 -8.22 -10.66 -4.37
CA THR A 152 -6.93 -10.16 -3.89
C THR A 152 -6.58 -8.85 -4.56
N THR A 153 -6.47 -8.86 -5.89
CA THR A 153 -6.32 -7.65 -6.70
C THR A 153 -7.03 -7.87 -8.02
N LEU A 154 -7.27 -6.77 -8.74
CA LEU A 154 -8.15 -6.81 -9.91
C LEU A 154 -7.43 -7.26 -11.17
N ASP A 155 -8.15 -8.03 -12.01
CA ASP A 155 -7.70 -8.23 -13.37
C ASP A 155 -8.03 -7.00 -14.24
N ALA A 156 -7.39 -6.94 -15.42
CA ALA A 156 -7.55 -5.82 -16.34
C ALA A 156 -9.02 -5.50 -16.63
N LEU A 157 -9.84 -6.52 -16.83
CA LEU A 157 -11.26 -6.29 -17.08
C LEU A 157 -11.94 -5.64 -15.88
N GLN A 158 -11.65 -6.15 -14.69
CA GLN A 158 -12.23 -5.58 -13.48
C GLN A 158 -11.74 -4.17 -13.24
N LEU A 159 -10.46 -3.91 -13.54
CA LEU A 159 -9.92 -2.56 -13.44
C LEU A 159 -10.70 -1.61 -14.34
N GLN A 160 -10.92 -2.00 -15.60
CA GLN A 160 -11.65 -1.13 -16.50
C GLN A 160 -13.09 -0.94 -16.05
N ASN A 161 -13.77 -2.01 -15.62
CA ASN A 161 -15.14 -1.86 -15.15
C ASN A 161 -15.25 -0.90 -13.96
N ALA A 162 -14.31 -1.00 -13.02
CA ALA A 162 -14.35 -0.10 -11.87
C ALA A 162 -14.04 1.33 -12.27
N LEU A 163 -12.98 1.53 -13.07
CA LEU A 163 -12.64 2.87 -13.51
C LEU A 163 -13.83 3.52 -14.21
N HIS A 164 -14.54 2.72 -15.00
CA HIS A 164 -15.69 3.23 -15.73
C HIS A 164 -16.79 3.64 -14.76
N ASP A 165 -17.11 2.76 -13.80
CA ASP A 165 -18.10 3.06 -12.78
C ASP A 165 -17.77 4.33 -12.01
N TYR A 166 -16.50 4.54 -11.69
CA TYR A 166 -16.14 5.74 -10.94
C TYR A 166 -16.35 6.99 -11.78
N ALA A 167 -15.99 6.92 -13.07
CA ALA A 167 -16.31 8.04 -13.96
C ALA A 167 -17.81 8.33 -13.96
N LYS A 168 -18.62 7.26 -14.07
CA LYS A 168 -20.07 7.43 -14.05
C LYS A 168 -20.56 8.17 -12.81
N GLN A 169 -19.82 8.06 -11.70
CA GLN A 169 -20.23 8.60 -10.43
C GLN A 169 -19.62 9.96 -10.13
N GLY A 170 -18.87 10.53 -11.06
CA GLY A 170 -18.37 11.88 -10.88
C GLY A 170 -16.88 11.98 -10.66
N ALA A 171 -16.19 10.88 -10.38
CA ALA A 171 -14.75 10.96 -10.21
C ALA A 171 -14.13 11.59 -11.45
N THR A 172 -13.22 12.53 -11.26
CA THR A 172 -12.44 13.05 -12.37
C THR A 172 -11.02 12.55 -12.35
N PHE A 173 -10.61 11.90 -11.26
CA PHE A 173 -9.26 11.38 -11.07
C PHE A 173 -9.33 9.99 -10.46
N ALA A 174 -8.27 9.22 -10.71
CA ALA A 174 -8.08 7.93 -10.06
C ALA A 174 -6.61 7.82 -9.72
N SER A 175 -6.32 7.23 -8.54
CA SER A 175 -4.97 7.07 -8.00
C SER A 175 -4.75 5.58 -7.78
N LEU A 176 -3.80 4.98 -8.54
CA LEU A 176 -3.64 3.53 -8.61
C LEU A 176 -2.28 3.06 -8.12
N GLU A 177 -2.25 1.90 -7.47
CA GLU A 177 -0.99 1.18 -7.24
C GLU A 177 -0.68 0.31 -8.44
N ALA A 178 0.60 0.27 -8.83
CA ALA A 178 1.05 -0.57 -9.95
C ALA A 178 2.21 -1.47 -9.51
N SER A 179 1.89 -2.71 -9.14
CA SER A 179 2.90 -3.73 -8.81
C SER A 179 3.62 -4.22 -10.07
N SER A 180 4.78 -4.86 -9.85
CA SER A 180 5.58 -5.37 -10.97
C SER A 180 4.86 -6.48 -11.72
N HIS A 181 4.31 -7.44 -10.98
CA HIS A 181 3.56 -8.51 -11.65
C HIS A 181 2.39 -7.92 -12.41
N GLY A 182 1.69 -6.96 -11.80
CA GLY A 182 0.58 -6.31 -12.50
C GLY A 182 1.01 -5.66 -13.80
N LEU A 183 2.11 -4.92 -13.78
CA LEU A 183 2.58 -4.28 -15.00
C LEU A 183 2.95 -5.33 -16.05
N GLU A 184 3.70 -6.36 -15.65
CA GLU A 184 4.10 -7.42 -16.58
C GLU A 184 2.91 -8.11 -17.21
N GLN A 185 1.86 -8.32 -16.42
CA GLN A 185 0.69 -9.07 -16.84
C GLN A 185 -0.21 -8.28 -17.77
N GLY A 186 0.07 -6.99 -17.99
CA GLY A 186 -0.78 -6.15 -18.79
C GLY A 186 -2.01 -5.63 -18.07
N ARG A 187 -1.99 -5.63 -16.74
CA ARG A 187 -3.19 -5.32 -15.98
C ARG A 187 -3.60 -3.85 -16.11
N LEU A 188 -2.64 -2.96 -16.35
CA LEU A 188 -2.91 -1.55 -16.49
C LEU A 188 -2.90 -1.10 -17.95
N ASN A 189 -2.76 -2.04 -18.89
CA ASN A 189 -2.60 -1.66 -20.30
C ASN A 189 -3.79 -0.84 -20.80
N GLY A 190 -5.01 -1.12 -20.34
CA GLY A 190 -6.07 -0.25 -20.84
C GLY A 190 -6.01 1.22 -20.38
N CYS A 191 -5.15 1.56 -19.42
CA CYS A 191 -5.23 2.84 -18.71
C CYS A 191 -4.46 3.94 -19.42
N ASP A 192 -5.08 5.11 -19.57
CA ASP A 192 -4.40 6.27 -20.13
C ASP A 192 -3.76 7.04 -18.98
N ILE A 193 -2.66 6.47 -18.49
CA ILE A 193 -1.99 6.96 -17.30
C ILE A 193 -1.33 8.30 -17.63
N GLU A 194 -1.73 9.34 -16.91
CA GLU A 194 -1.24 10.71 -17.12
C GLU A 194 0.05 10.99 -16.35
N ILE A 195 0.09 10.61 -15.06
CA ILE A 195 1.22 10.87 -14.18
C ILE A 195 1.65 9.56 -13.55
N ALA A 196 2.94 9.25 -13.63
CA ALA A 196 3.50 8.07 -13.00
C ALA A 196 4.50 8.48 -11.94
N VAL A 197 4.48 7.76 -10.80
CA VAL A 197 5.38 8.02 -9.68
C VAL A 197 6.20 6.77 -9.38
N TYR A 198 7.48 6.97 -9.08
CA TYR A 198 8.38 5.90 -8.65
C TYR A 198 8.86 6.17 -7.24
N SER A 199 8.63 5.23 -6.33
CA SER A 199 9.02 5.45 -4.94
C SER A 199 10.40 4.86 -4.63
N ASN A 200 10.56 3.56 -4.81
CA ASN A 200 11.79 2.86 -4.46
C ASN A 200 11.72 1.46 -5.05
N LEU A 201 12.83 0.75 -4.88
CA LEU A 201 12.91 -0.67 -5.16
C LEU A 201 13.80 -1.28 -4.10
N SER A 202 13.34 -2.38 -3.53
CA SER A 202 14.01 -3.03 -2.40
C SER A 202 14.25 -4.48 -2.76
N ARG A 203 15.33 -5.06 -2.23
CA ARG A 203 15.77 -6.45 -2.53
C ARG A 203 14.79 -7.47 -2.01
N ASP A 204 14.07 -7.17 -0.93
CA ASP A 204 13.11 -8.15 -0.39
C ASP A 204 11.70 -7.91 -0.95
N HIS A 205 11.18 -8.86 -1.72
CA HIS A 205 9.83 -8.85 -2.32
C HIS A 205 9.30 -10.28 -2.38
N LEU A 206 8.02 -10.51 -2.10
CA LEU A 206 7.48 -11.90 -2.20
C LEU A 206 6.13 -11.86 -2.92
N TYR A 208 7.99 -11.44 -5.35
CA TYR A 208 7.89 -11.50 -6.80
C TYR A 208 8.94 -12.50 -7.28
N HIS A 209 8.52 -13.47 -8.10
CA HIS A 209 9.34 -14.64 -8.43
C HIS A 209 10.08 -14.43 -9.74
N GLY A 210 11.24 -13.78 -9.64
CA GLY A 210 12.04 -13.50 -10.81
C GLY A 210 13.32 -12.83 -10.38
N THR A 211 14.19 -12.61 -11.36
CA THR A 211 15.43 -11.91 -11.10
C THR A 211 15.15 -10.43 -10.87
N LEU A 212 16.04 -9.78 -10.10
CA LEU A 212 15.83 -8.39 -9.72
C LEU A 212 15.71 -7.47 -10.94
N GLU A 213 16.41 -7.80 -12.03
CA GLU A 213 16.29 -7.00 -13.24
C GLU A 213 14.89 -7.09 -13.83
N ALA A 214 14.28 -8.28 -13.77
CA ALA A 214 12.91 -8.43 -14.25
C ALA A 214 11.95 -7.60 -13.41
N TYR A 215 12.17 -7.58 -12.09
CA TYR A 215 11.35 -6.79 -11.17
C TYR A 215 11.45 -5.29 -11.49
N ALA A 216 12.70 -4.81 -11.64
CA ALA A 216 12.91 -3.40 -11.92
C ALA A 216 12.39 -3.03 -13.30
N GLU A 217 12.52 -3.93 -14.27
CA GLU A 217 12.10 -3.62 -15.63
C GLU A 217 10.59 -3.66 -15.76
N ALA A 218 9.94 -4.58 -15.05
CA ALA A 218 8.50 -4.51 -14.86
C ALA A 218 8.10 -3.11 -14.41
N LYS A 219 8.80 -2.57 -13.40
CA LYS A 219 8.43 -1.23 -12.93
C LYS A 219 8.68 -0.16 -13.99
N ALA A 220 9.83 -0.22 -14.67
CA ALA A 220 10.15 0.74 -15.72
C ALA A 220 9.10 0.76 -16.82
N ARG A 221 8.47 -0.38 -17.09
CA ARG A 221 7.39 -0.41 -18.07
C ARG A 221 6.36 0.69 -17.84
N LEU A 222 6.13 1.08 -16.59
CA LEU A 222 5.15 2.14 -16.32
C LEU A 222 5.54 3.46 -16.96
N PHE A 223 6.83 3.69 -17.13
CA PHE A 223 7.30 4.93 -17.72
C PHE A 223 7.41 4.87 -19.24
N GLN A 224 6.96 3.78 -19.86
CA GLN A 224 6.90 3.66 -21.30
C GLN A 224 5.51 3.91 -21.85
N PHE A 225 4.51 4.01 -20.99
CA PHE A 225 3.16 4.36 -21.43
C PHE A 225 3.20 5.62 -22.28
N ASN A 226 2.68 5.52 -23.50
CA ASN A 226 2.61 6.68 -24.38
C ASN A 226 1.52 7.63 -23.97
N SER A 227 0.79 7.31 -22.91
CA SER A 227 -0.16 8.24 -22.34
C SER A 227 0.55 9.27 -21.47
N LEU A 228 1.80 9.02 -21.10
CA LEU A 228 2.43 9.70 -19.97
C LEU A 228 2.65 11.18 -20.22
N LYS A 229 2.04 12.01 -19.38
CA LYS A 229 2.37 13.43 -19.34
C LYS A 229 3.59 13.72 -18.46
N VAL A 230 3.62 13.20 -17.23
CA VAL A 230 4.64 13.54 -16.23
C VAL A 230 5.18 12.28 -15.57
N ALA A 231 6.48 12.24 -15.34
CA ALA A 231 7.14 11.20 -14.55
C ALA A 231 7.74 11.83 -13.31
N VAL A 232 7.38 11.29 -12.15
CA VAL A 232 7.83 11.77 -10.84
C VAL A 232 8.70 10.67 -10.22
N ILE A 233 10.00 10.90 -10.15
CA ILE A 233 10.94 9.82 -9.88
C ILE A 233 11.79 10.18 -8.67
N ASN A 234 11.94 9.23 -7.75
CA ASN A 234 12.70 9.44 -6.51
C ASN A 234 14.19 9.31 -6.82
N LEU A 235 14.90 10.44 -6.78
CA LEU A 235 16.32 10.42 -7.11
C LEU A 235 17.14 9.64 -6.10
N ASP A 236 16.72 9.59 -4.84
CA ASP A 236 17.56 8.95 -3.83
C ASP A 236 17.61 7.44 -3.97
N ASP A 237 17.07 6.84 -5.02
CA ASP A 237 16.95 5.38 -5.12
C ASP A 237 17.89 4.85 -6.19
N ALA A 238 18.45 3.67 -5.93
CA ALA A 238 19.51 3.12 -6.78
C ALA A 238 19.06 2.91 -8.21
N HIS A 239 17.79 2.59 -8.43
CA HIS A 239 17.31 2.30 -9.77
C HIS A 239 16.63 3.48 -10.44
N ALA A 240 16.72 4.67 -9.82
CA ALA A 240 16.12 5.86 -10.43
C ALA A 240 16.52 5.98 -11.90
N ASP A 241 17.82 5.80 -12.19
CA ASP A 241 18.29 6.02 -13.55
C ASP A 241 17.56 5.13 -14.53
N LEU A 242 17.34 3.86 -14.16
CA LEU A 242 16.57 2.98 -15.05
C LEU A 242 15.23 3.62 -15.40
N MET A 243 14.45 3.98 -14.36
CA MET A 243 13.16 4.61 -14.59
C MET A 243 13.32 5.83 -15.49
N ILE A 244 14.33 6.66 -15.19
CA ILE A 244 14.51 7.91 -15.92
C ILE A 244 14.70 7.63 -17.39
N LYS A 245 15.54 6.65 -17.72
CA LYS A 245 15.88 6.43 -19.12
C LYS A 245 14.62 6.03 -19.88
N SER A 246 13.73 5.25 -19.25
CA SER A 246 12.53 4.85 -19.98
C SER A 246 11.66 6.07 -20.24
N ALA A 247 11.56 6.95 -19.26
CA ALA A 247 10.82 8.18 -19.47
C ALA A 247 11.41 8.98 -20.62
N GLN A 248 12.74 8.93 -20.76
CA GLN A 248 13.34 9.68 -21.85
C GLN A 248 13.05 9.03 -23.19
N ASN A 249 12.95 7.70 -23.23
CA ASN A 249 12.71 7.01 -24.49
C ASN A 249 11.24 6.89 -24.81
N ASN A 250 10.39 7.60 -24.11
CA ASN A 250 8.96 7.49 -24.34
C ASN A 250 8.56 8.41 -25.49
N PRO A 251 8.06 7.87 -26.62
CA PRO A 251 7.55 8.70 -27.72
C PRO A 251 6.77 9.93 -27.27
N ALA A 252 5.92 9.77 -26.25
CA ALA A 252 5.15 10.90 -25.74
C ALA A 252 6.02 11.93 -25.03
N GLN A 253 7.29 11.61 -24.79
CA GLN A 253 8.24 12.54 -24.19
C GLN A 253 7.66 13.24 -22.95
N PRO A 254 7.32 12.51 -21.90
CA PRO A 254 6.73 13.15 -20.72
C PRO A 254 7.75 14.01 -20.02
N LYS A 255 7.24 14.97 -19.25
CA LYS A 255 8.11 15.77 -18.41
C LYS A 255 8.62 14.91 -17.27
N ILE A 256 9.89 15.03 -16.96
CA ILE A 256 10.50 14.27 -15.88
C ILE A 256 10.76 15.20 -14.70
N LEU A 257 10.36 14.76 -13.50
CA LEU A 257 10.61 15.48 -12.27
C LEU A 257 11.25 14.54 -11.27
N THR A 258 12.38 14.94 -10.73
CA THR A 258 13.06 14.16 -9.71
C THR A 258 12.87 14.80 -8.34
N TYR A 259 12.88 13.97 -7.31
CA TYR A 259 12.86 14.46 -5.95
C TYR A 259 13.90 13.71 -5.12
N SER A 260 14.39 14.40 -4.09
CA SER A 260 15.46 13.93 -3.24
C SER A 260 15.30 14.58 -1.87
N LEU A 261 15.69 13.88 -0.82
CA LEU A 261 15.78 14.55 0.47
C LEU A 261 17.13 15.23 0.69
N THR A 262 18.16 14.77 -0.03
CA THR A 262 19.53 15.22 0.17
C THR A 262 20.04 16.08 -0.98
N GLN A 263 20.06 15.54 -2.20
CA GLN A 263 20.68 16.21 -3.34
C GLN A 263 19.84 17.41 -3.80
N ASN A 264 20.42 18.60 -3.76
CA ASN A 264 19.73 19.82 -4.17
C ASN A 264 19.62 19.97 -5.69
N THR A 265 20.12 18.99 -6.45
CA THR A 265 20.02 19.03 -7.91
C THR A 265 18.69 18.50 -8.43
N ALA A 266 17.94 17.74 -7.63
CA ALA A 266 16.63 17.26 -8.04
C ALA A 266 15.66 18.43 -8.21
N ASP A 267 14.63 18.22 -9.05
CA ASP A 267 13.61 19.25 -9.23
C ASP A 267 12.94 19.65 -7.93
N TYR A 268 12.94 18.78 -6.95
CA TYR A 268 12.38 19.04 -5.63
C TYR A 268 13.33 18.46 -4.59
N TYR A 269 13.53 19.20 -3.51
CA TYR A 269 14.22 18.62 -2.35
C TYR A 269 13.73 19.32 -1.10
N ILE A 270 14.36 19.05 0.03
CA ILE A 270 13.83 19.53 1.30
C ILE A 270 14.95 20.11 2.14
N ALA A 271 14.59 21.09 2.95
CA ALA A 271 15.51 21.75 3.86
C ALA A 271 14.95 21.72 5.27
N ASP A 272 15.85 21.77 6.26
CA ASP A 272 15.48 21.99 7.66
C ASP A 272 14.38 21.04 8.12
N LEU A 273 14.56 19.76 7.84
CA LEU A 273 13.60 18.76 8.30
C LEU A 273 13.84 18.46 9.78
N ASP A 274 12.75 18.32 10.53
CA ASP A 274 12.84 17.87 11.91
C ASP A 274 11.54 17.19 12.32
N TYR A 275 11.60 16.41 13.40
CA TYR A 275 10.49 15.58 13.83
C TYR A 275 9.93 16.02 15.18
N SER A 276 8.79 15.44 15.54
CA SER A 276 8.07 15.82 16.75
C SER A 276 6.95 14.81 16.99
N LEU A 277 6.36 14.90 18.19
CA LEU A 277 5.19 14.08 18.48
C LEU A 277 4.03 14.40 17.53
N ALA A 278 4.03 15.58 16.93
CA ALA A 278 3.01 15.95 15.96
C ALA A 278 3.26 15.37 14.57
N GLY A 279 4.50 14.95 14.28
CA GLY A 279 4.84 14.51 12.94
C GLY A 279 6.18 15.05 12.50
N ALA A 280 6.18 15.83 11.41
CA ALA A 280 7.43 16.30 10.81
C ALA A 280 7.22 17.66 10.18
N THR A 281 8.25 18.47 10.20
CA THR A 281 8.21 19.75 9.49
C THR A 281 9.46 19.89 8.63
N PHE A 282 9.28 20.53 7.48
CA PHE A 282 10.42 20.73 6.57
C PHE A 282 10.00 21.78 5.54
N ASN A 283 10.97 22.24 4.77
CA ASN A 283 10.67 23.09 3.62
C ASN A 283 10.78 22.22 2.39
N LEU A 284 9.71 22.19 1.60
CA LEU A 284 9.71 21.61 0.27
C LEU A 284 10.13 22.70 -0.71
N VAL A 285 11.29 22.51 -1.33
CA VAL A 285 11.91 23.51 -2.17
C VAL A 285 11.91 23.04 -3.62
N SER A 286 11.38 23.88 -4.50
CA SER A 286 11.39 23.66 -5.95
C SER A 286 11.76 24.96 -6.65
N GLN A 287 11.78 24.91 -7.98
CA GLN A 287 12.04 26.10 -8.78
C GLN A 287 11.10 27.24 -8.39
N GLN A 288 9.86 26.92 -8.04
CA GLN A 288 8.84 27.91 -7.71
C GLN A 288 8.93 28.44 -6.27
N GLY A 289 9.93 28.01 -5.48
CA GLY A 289 10.17 28.59 -4.18
C GLY A 289 10.19 27.55 -3.08
N SER A 290 10.05 28.04 -1.84
CA SER A 290 10.05 27.20 -0.65
C SER A 290 8.68 27.20 0.00
N PHE A 291 8.25 26.02 0.45
CA PHE A 291 6.94 25.87 1.09
C PHE A 291 7.11 25.12 2.40
N ALA A 292 6.65 25.72 3.49
CA ALA A 292 6.77 25.13 4.81
C ALA A 292 5.72 24.05 4.97
N VAL A 293 6.16 22.81 5.13
CA VAL A 293 5.27 21.66 5.28
C VAL A 293 5.22 21.27 6.75
N GLU A 294 4.00 21.11 7.25
CA GLU A 294 3.70 20.59 8.59
C GLU A 294 2.97 19.25 8.44
N SER A 295 3.73 18.16 8.33
CA SER A 295 3.19 16.82 8.15
C SER A 295 2.72 16.22 9.47
N PRO A 296 1.56 15.59 9.46
CA PRO A 296 1.08 14.86 10.63
C PRO A 296 1.50 13.40 10.65
N LEU A 297 2.48 13.00 9.85
CA LEU A 297 2.80 11.59 9.66
C LEU A 297 4.12 11.23 10.33
N LEU A 298 4.24 9.96 10.71
CA LEU A 298 5.41 9.48 11.43
C LEU A 298 6.43 8.86 10.48
N GLY A 299 7.71 9.07 10.78
CA GLY A 299 8.78 8.33 10.12
C GLY A 299 9.37 9.05 8.90
N HIS A 300 10.61 8.67 8.60
CA HIS A 300 11.34 9.20 7.45
C HIS A 300 10.73 8.75 6.11
N PHE A 301 10.35 7.48 6.01
CA PHE A 301 9.66 6.98 4.83
C PHE A 301 8.43 7.81 4.49
N ASN A 302 7.70 8.30 5.49
CA ASN A 302 6.52 9.10 5.20
C ASN A 302 6.85 10.52 4.77
N VAL A 303 8.05 11.03 5.09
CA VAL A 303 8.48 12.27 4.45
C VAL A 303 8.65 12.04 2.96
N GLU A 304 9.32 10.93 2.61
CA GLU A 304 9.47 10.56 1.20
C GLU A 304 8.11 10.41 0.50
N ASN A 305 7.22 9.62 1.11
CA ASN A 305 5.89 9.38 0.53
C ASN A 305 5.13 10.68 0.34
N LEU A 306 5.18 11.59 1.33
CA LEU A 306 4.47 12.83 1.23
C LEU A 306 5.05 13.71 0.11
N ILE A 307 6.38 13.75 -0.02
CA ILE A 307 6.99 14.49 -1.12
C ILE A 307 6.45 14.00 -2.46
N ALA A 308 6.54 12.68 -2.69
CA ALA A 308 6.04 12.10 -3.94
C ALA A 308 4.56 12.43 -4.17
N ALA A 309 3.74 12.36 -3.11
CA ALA A 309 2.31 12.64 -3.29
C ALA A 309 2.07 14.10 -3.66
N LEU A 310 2.74 15.02 -2.94
CA LEU A 310 2.54 16.44 -3.22
C LEU A 310 2.94 16.77 -4.65
N ILE A 311 4.07 16.26 -5.11
CA ILE A 311 4.49 16.52 -6.49
C ILE A 311 3.44 15.98 -7.47
N ALA A 312 3.06 14.70 -7.35
CA ALA A 312 2.07 14.13 -8.25
C ALA A 312 0.79 14.96 -8.27
N ALA A 313 0.31 15.40 -7.10
CA ALA A 313 -0.93 16.15 -7.08
C ALA A 313 -0.75 17.51 -7.73
N GLU A 314 0.40 18.15 -7.52
CA GLU A 314 0.66 19.43 -8.20
C GLU A 314 0.58 19.24 -9.70
N GLN A 315 1.29 18.23 -10.20
CA GLN A 315 1.37 17.92 -11.65
C GLN A 315 -0.01 17.65 -12.22
N ALA A 316 -1.01 17.50 -11.39
CA ALA A 316 -2.39 17.25 -11.83
C ALA A 316 -3.15 18.57 -12.02
N GLY A 317 -2.45 19.71 -11.98
CA GLY A 317 -3.02 21.04 -12.17
C GLY A 317 -3.40 21.76 -10.89
N PHE A 318 -3.04 21.25 -9.71
CA PHE A 318 -3.39 22.01 -8.48
C PHE A 318 -2.21 22.83 -7.98
N ASP A 319 -2.50 23.88 -7.24
CA ASP A 319 -1.44 24.78 -6.78
C ASP A 319 -0.70 24.20 -5.59
N LEU A 320 0.63 24.25 -5.64
CA LEU A 320 1.43 23.65 -4.58
C LEU A 320 1.07 24.21 -3.21
N GLN A 321 0.86 25.54 -3.11
CA GLN A 321 0.61 26.16 -1.81
C GLN A 321 -0.69 25.67 -1.20
N ALA A 322 -1.74 25.51 -2.01
CA ALA A 322 -3.01 25.01 -1.48
C ALA A 322 -2.88 23.58 -0.94
N LEU A 323 -2.12 22.73 -1.64
CA LEU A 323 -1.92 21.35 -1.20
C LEU A 323 -1.11 21.32 0.09
N VAL A 324 -0.04 22.09 0.14
CA VAL A 324 0.77 22.17 1.35
C VAL A 324 -0.06 22.66 2.52
N ASP A 325 -0.93 23.65 2.29
CA ASP A 325 -1.81 24.10 3.36
C ASP A 325 -2.76 23.00 3.81
N PHE A 326 -3.15 22.09 2.92
CA PHE A 326 -4.02 20.99 3.35
C PHE A 326 -3.28 19.89 4.10
N VAL A 327 -1.96 19.77 3.93
CA VAL A 327 -1.22 18.65 4.51
C VAL A 327 -1.54 18.32 5.96
N PRO A 328 -1.62 19.28 6.89
CA PRO A 328 -1.93 18.92 8.29
C PRO A 328 -3.20 18.11 8.44
N LYS A 329 -4.08 18.13 7.45
CA LYS A 329 -5.31 17.36 7.54
C LYS A 329 -5.20 15.97 6.95
N LEU A 330 -4.03 15.57 6.44
CA LEU A 330 -3.91 14.29 5.77
C LEU A 330 -3.99 13.13 6.75
N ILE A 331 -4.69 12.07 6.35
CA ILE A 331 -4.87 10.90 7.20
C ILE A 331 -3.82 9.83 6.92
N GLY A 332 -3.66 9.45 5.66
CA GLY A 332 -2.74 8.38 5.34
C GLY A 332 -3.37 7.01 5.39
N ALA A 333 -2.51 6.00 5.35
CA ALA A 333 -3.01 4.64 5.23
C ALA A 333 -2.88 3.87 6.55
N PRO A 334 -3.82 2.98 6.84
CA PRO A 334 -3.69 2.11 8.03
C PRO A 334 -2.40 1.32 7.97
N GLY A 335 -1.65 1.32 9.07
CA GLY A 335 -0.30 0.77 9.04
C GLY A 335 -0.05 -0.34 10.05
N ARG A 336 1.22 -0.57 10.37
CA ARG A 336 1.59 -1.55 11.39
C ARG A 336 1.48 -0.99 12.82
N MET A 337 1.43 0.32 12.98
CA MET A 337 1.33 0.92 14.29
C MET A 337 -0.11 1.40 14.53
N GLN A 338 -0.62 1.15 15.75
CA GLN A 338 -1.87 1.75 16.22
C GLN A 338 -1.50 2.84 17.22
N VAL A 339 -1.75 4.09 16.86
CA VAL A 339 -1.31 5.25 17.62
C VAL A 339 -2.50 5.81 18.40
N ILE A 340 -2.31 5.99 19.71
CA ILE A 340 -3.26 6.65 20.59
C ILE A 340 -2.57 7.87 21.18
N ARG A 341 -3.10 9.05 20.89
CA ARG A 341 -2.54 10.29 21.43
C ARG A 341 -3.28 10.71 22.69
N ASP A 342 -2.54 11.04 23.75
CA ASP A 342 -3.15 11.58 24.95
C ASP A 342 -2.21 12.49 25.71
N ASP A 343 -2.61 13.76 25.83
CA ASP A 343 -1.92 14.73 26.70
C ASP A 343 -0.42 14.78 26.41
N GLU A 344 -0.09 14.99 25.14
CA GLU A 344 1.30 15.14 24.67
C GLU A 344 2.12 13.86 24.86
N ARG A 345 1.45 12.72 24.86
CA ARG A 345 2.10 11.43 24.85
C ARG A 345 1.52 10.59 23.72
N LEU A 346 2.39 9.86 23.03
CA LEU A 346 1.95 8.87 22.04
C LEU A 346 2.07 7.47 22.65
N PHE A 347 1.00 6.68 22.52
CA PHE A 347 1.04 5.26 22.84
C PHE A 347 0.89 4.49 21.54
N VAL A 348 1.80 3.56 21.29
CA VAL A 348 1.89 2.89 20.01
C VAL A 348 1.83 1.40 20.27
N VAL A 349 0.71 0.78 19.90
CA VAL A 349 0.54 -0.65 20.01
C VAL A 349 0.99 -1.26 18.69
N ASP A 350 1.82 -2.29 18.78
CA ASP A 350 2.53 -2.73 17.58
C ASP A 350 2.93 -4.19 17.75
N TYR A 351 2.74 -4.97 16.68
CA TYR A 351 3.30 -6.31 16.60
C TYR A 351 4.80 -6.20 16.39
N ALA A 352 5.55 -6.50 17.38
CA ALA A 352 7.00 -6.36 17.25
C ALA A 352 7.48 -7.59 17.99
N HIS A 353 7.52 -8.67 17.26
CA HIS A 353 7.50 -10.01 17.83
C HIS A 353 8.91 -10.58 17.91
N THR A 354 9.88 -9.89 17.34
CA THR A 354 11.26 -10.32 17.24
C THR A 354 12.13 -9.12 17.56
N PRO A 355 13.41 -9.37 17.93
CA PRO A 355 14.33 -8.24 18.14
C PRO A 355 14.40 -7.25 17.00
N ASP A 356 14.49 -7.73 15.76
CA ASP A 356 14.60 -6.81 14.63
C ASP A 356 13.37 -5.93 14.50
N ALA A 357 12.18 -6.51 14.68
CA ALA A 357 10.97 -5.72 14.50
C ALA A 357 10.83 -4.68 15.61
N LEU A 358 11.19 -5.06 16.84
CA LEU A 358 11.16 -4.12 17.94
C LEU A 358 12.12 -2.96 17.70
N ILE A 359 13.35 -3.27 17.30
CA ILE A 359 14.33 -2.22 17.09
C ILE A 359 13.90 -1.31 15.95
N GLN A 360 13.23 -1.87 14.92
CA GLN A 360 12.84 -1.03 13.78
C GLN A 360 11.75 -0.02 14.18
N VAL A 361 10.75 -0.47 14.92
CA VAL A 361 9.76 0.53 15.34
C VAL A 361 10.37 1.53 16.36
N LEU A 362 11.30 1.08 17.20
CA LEU A 362 11.96 2.01 18.13
C LEU A 362 12.81 3.02 17.37
N LYS A 363 13.49 2.60 16.30
CA LYS A 363 14.27 3.55 15.51
C LYS A 363 13.36 4.59 14.88
N THR A 364 12.24 4.16 14.33
CA THR A 364 11.28 5.12 13.77
C THR A 364 10.81 6.11 14.82
N LEU A 365 10.39 5.62 15.98
CA LEU A 365 9.79 6.52 16.95
C LEU A 365 10.81 7.42 17.62
N LYS A 366 12.06 6.96 17.78
CA LYS A 366 13.11 7.79 18.39
C LYS A 366 13.31 9.11 17.64
N ARG A 367 13.08 9.13 16.33
CA ARG A 367 13.10 10.41 15.61
C ARG A 367 12.12 11.41 16.21
N HIS A 368 10.99 10.93 16.71
CA HIS A 368 9.88 11.80 17.10
C HIS A 368 9.84 12.12 18.57
N VAL A 369 10.44 11.29 19.42
CA VAL A 369 10.24 11.41 20.86
C VAL A 369 10.88 12.70 21.37
N SER A 370 10.20 13.36 22.29
CA SER A 370 10.74 14.58 22.88
C SER A 370 11.43 14.30 24.21
N ASN A 371 10.86 13.46 25.06
CA ASN A 371 11.49 13.14 26.33
C ASN A 371 11.97 11.70 26.29
N GLN A 372 11.14 10.72 26.60
CA GLN A 372 11.60 9.34 26.75
C GLN A 372 10.81 8.39 25.88
N LEU A 373 11.50 7.38 25.35
CA LEU A 373 10.89 6.34 24.54
C LEU A 373 10.89 5.04 25.35
N TRP A 374 9.70 4.60 25.74
CA TRP A 374 9.47 3.38 26.53
C TRP A 374 9.22 2.18 25.63
N ALA A 375 9.61 1.00 26.10
CA ALA A 375 9.22 -0.23 25.43
C ALA A 375 8.64 -1.15 26.48
N VAL A 376 7.50 -1.76 26.17
CA VAL A 376 6.82 -2.70 27.04
C VAL A 376 6.66 -3.98 26.24
N PHE A 377 7.07 -5.10 26.80
CA PHE A 377 7.05 -6.32 25.98
C PHE A 377 7.20 -7.55 26.88
N GLY A 378 6.81 -8.71 26.32
CA GLY A 378 7.04 -10.00 26.94
C GLY A 378 7.40 -11.04 25.88
N CYS A 379 7.58 -12.28 26.34
CA CYS A 379 8.04 -13.37 25.48
C CYS A 379 7.07 -14.54 25.61
N GLY A 380 6.62 -15.07 24.47
CA GLY A 380 5.65 -16.15 24.48
C GLY A 380 6.19 -17.37 25.21
N GLY A 381 5.30 -18.04 25.98
CA GLY A 381 5.67 -19.27 26.66
C GLY A 381 5.61 -20.47 25.72
N ASP A 382 6.24 -21.57 26.17
CA ASP A 382 6.39 -22.77 25.34
C ASP A 382 6.98 -22.42 23.96
N ARG A 383 8.07 -21.65 23.98
CA ARG A 383 8.79 -21.29 22.75
C ARG A 383 10.27 -21.30 23.09
N ASP A 384 11.09 -21.06 22.06
CA ASP A 384 12.55 -21.05 22.14
C ASP A 384 13.02 -20.18 23.29
N ARG A 385 13.58 -20.81 24.34
CA ARG A 385 14.02 -20.02 25.49
C ARG A 385 15.25 -19.19 25.18
N GLY A 386 16.03 -19.54 24.15
CA GLY A 386 17.28 -18.83 23.91
C GLY A 386 17.12 -17.46 23.31
N LYS A 387 15.99 -17.20 22.65
CA LYS A 387 15.76 -15.90 22.04
C LYS A 387 15.27 -14.83 23.02
N ARG A 388 14.91 -15.19 24.26
CA ARG A 388 14.29 -14.18 25.14
C ARG A 388 15.24 -13.06 25.53
N PRO A 389 16.49 -13.32 25.98
CA PRO A 389 17.40 -12.21 26.32
C PRO A 389 17.70 -11.33 25.14
N LEU A 390 17.56 -11.85 23.91
CA LEU A 390 17.84 -11.04 22.74
C LEU A 390 16.79 -9.96 22.58
N MET A 391 15.53 -10.35 22.81
CA MET A 391 14.43 -9.38 22.91
C MET A 391 14.73 -8.31 23.94
N THR A 392 15.14 -8.72 25.15
CA THR A 392 15.48 -7.71 26.17
C THR A 392 16.61 -6.80 25.70
N GLN A 393 17.68 -7.39 25.13
CA GLN A 393 18.79 -6.59 24.62
C GLN A 393 18.30 -5.58 23.58
N ALA A 394 17.44 -6.01 22.66
CA ALA A 394 16.93 -5.08 21.65
C ALA A 394 16.15 -3.94 22.30
N ALA A 395 15.26 -4.26 23.23
CA ALA A 395 14.52 -3.23 23.95
C ALA A 395 15.47 -2.27 24.66
N LEU A 396 16.50 -2.80 25.33
CA LEU A 396 17.44 -1.94 26.04
C LEU A 396 18.25 -1.09 25.07
N ASP A 397 18.54 -1.59 23.88
CA ASP A 397 19.32 -0.81 22.93
C ASP A 397 18.49 0.31 22.32
N GLY A 398 17.17 0.16 22.29
CA GLY A 398 16.38 1.17 21.62
C GLY A 398 15.44 1.99 22.49
N ALA A 399 15.31 1.63 23.76
CA ALA A 399 14.28 2.30 24.58
C ALA A 399 14.79 2.50 25.99
N ASN A 400 14.26 3.52 26.63
CA ASN A 400 14.47 3.65 28.05
C ASN A 400 13.43 4.57 28.67
N PRO A 401 12.64 4.11 29.65
CA PRO A 401 12.68 2.79 30.31
C PRO A 401 12.12 1.62 29.54
N VAL A 402 12.37 0.40 30.02
CA VAL A 402 11.75 -0.80 29.50
C VAL A 402 10.97 -1.48 30.61
N ILE A 403 9.83 -2.08 30.21
CA ILE A 403 8.95 -2.82 31.08
C ILE A 403 8.89 -4.26 30.57
N LEU A 404 9.38 -5.17 31.39
CA LEU A 404 9.23 -6.59 31.17
C LEU A 404 7.86 -7.03 31.69
N THR A 405 7.05 -7.64 30.83
CA THR A 405 5.71 -8.11 31.23
C THR A 405 5.42 -9.45 30.55
N SER A 406 4.18 -9.92 30.69
CA SER A 406 3.73 -11.20 30.17
C SER A 406 3.10 -11.07 28.79
N ASP A 407 3.28 -12.14 28.01
CA ASP A 407 2.72 -12.22 26.66
C ASP A 407 2.57 -13.71 26.38
N ASN A 408 1.33 -14.21 26.43
CA ASN A 408 1.02 -15.60 26.15
C ASN A 408 1.97 -16.58 26.83
N PRO A 409 2.12 -16.50 28.16
CA PRO A 409 3.01 -17.45 28.86
C PRO A 409 2.59 -18.91 28.78
N ARG A 410 1.33 -19.20 28.41
CA ARG A 410 0.83 -20.57 28.21
C ARG A 410 1.00 -21.40 29.47
N THR A 411 1.54 -22.62 29.38
CA THR A 411 1.70 -23.50 30.52
C THR A 411 3.06 -23.40 31.17
N GLU A 412 3.92 -22.50 30.69
CA GLU A 412 5.27 -22.42 31.22
C GLU A 412 5.28 -21.63 32.52
N ASP A 413 6.12 -22.05 33.45
CA ASP A 413 6.28 -21.34 34.70
C ASP A 413 6.74 -19.92 34.42
N PRO A 414 5.96 -18.90 34.79
CA PRO A 414 6.37 -17.52 34.50
C PRO A 414 7.74 -17.16 35.06
N GLU A 415 8.13 -17.77 36.19
CA GLU A 415 9.44 -17.46 36.74
C GLU A 415 10.54 -17.83 35.77
N GLN A 416 10.38 -18.95 35.06
CA GLN A 416 11.38 -19.33 34.06
C GLN A 416 11.39 -18.33 32.91
N ILE A 417 10.21 -17.95 32.40
CA ILE A 417 10.16 -16.97 31.31
C ILE A 417 10.93 -15.71 31.68
N PHE A 418 10.65 -15.16 32.87
CA PHE A 418 11.25 -13.88 33.24
C PHE A 418 12.73 -14.01 33.55
N ALA A 419 13.13 -15.11 34.20
CA ALA A 419 14.55 -15.38 34.40
C ALA A 419 15.27 -15.48 33.07
N ASP A 420 14.66 -16.15 32.08
CA ASP A 420 15.25 -16.25 30.75
C ASP A 420 15.42 -14.88 30.14
N MET A 421 14.37 -14.05 30.17
CA MET A 421 14.43 -12.73 29.56
C MET A 421 15.56 -11.91 30.16
N LYS A 422 15.93 -12.19 31.41
CA LYS A 422 16.97 -11.41 32.07
C LYS A 422 18.37 -12.04 31.99
N GLN A 423 18.50 -13.24 31.40
CA GLN A 423 19.74 -14.02 31.41
C GLN A 423 20.91 -13.28 30.79
N GLY A 424 21.95 -13.02 31.59
CA GLY A 424 23.15 -12.34 31.14
C GLY A 424 23.04 -10.84 30.94
N ILE A 425 21.87 -10.24 31.23
CA ILE A 425 21.61 -8.86 30.86
C ILE A 425 22.09 -7.94 31.99
N ASP A 426 22.70 -6.83 31.61
CA ASP A 426 23.10 -5.79 32.56
C ASP A 426 22.13 -4.63 32.41
N PHE A 427 21.34 -4.37 33.45
CA PHE A 427 20.35 -3.30 33.46
C PHE A 427 20.89 -1.98 34.02
N SER A 428 22.10 -1.98 34.60
CA SER A 428 22.74 -0.76 35.07
C SER A 428 22.66 0.34 34.02
N GLY A 429 22.26 1.53 34.44
CA GLY A 429 22.12 2.61 33.48
C GLY A 429 20.82 2.63 32.71
N HIS A 430 19.91 1.70 32.98
CA HIS A 430 18.58 1.73 32.39
C HIS A 430 17.54 1.77 33.48
N ARG A 431 16.45 2.49 33.23
CA ARG A 431 15.27 2.40 34.07
C ARG A 431 14.49 1.16 33.62
N MET A 432 14.43 0.14 34.46
CA MET A 432 13.75 -1.09 34.11
C MET A 432 12.70 -1.40 35.17
N HIS A 433 11.52 -1.83 34.72
CA HIS A 433 10.57 -2.43 35.64
C HIS A 433 10.15 -3.77 35.10
N GLU A 434 9.91 -4.69 36.02
CA GLU A 434 9.40 -6.03 35.70
C GLU A 434 8.01 -6.14 36.31
N ILE A 435 6.99 -6.14 35.47
CA ILE A 435 5.59 -6.10 35.90
C ILE A 435 4.88 -7.27 35.23
N HIS A 436 4.68 -8.35 35.98
CA HIS A 436 4.26 -9.63 35.41
C HIS A 436 2.87 -9.57 34.76
N ASP A 437 1.88 -8.99 35.45
CA ASP A 437 0.55 -8.83 34.84
C ASP A 437 0.59 -7.77 33.75
N ARG A 438 0.09 -8.13 32.56
CA ARG A 438 0.17 -7.26 31.40
C ARG A 438 -0.74 -6.06 31.52
N ARG A 439 -1.99 -6.27 31.97
CA ARG A 439 -2.90 -5.15 32.19
C ARG A 439 -2.30 -4.17 33.21
N GLU A 440 -1.67 -4.71 34.26
CA GLU A 440 -0.95 -3.89 35.24
C GLU A 440 0.20 -3.12 34.60
N ALA A 441 0.98 -3.76 33.71
CA ALA A 441 2.07 -3.06 33.04
C ALA A 441 1.56 -1.89 32.21
N ILE A 442 0.47 -2.11 31.46
CA ILE A 442 -0.06 -1.03 30.62
C ILE A 442 -0.61 0.11 31.49
N LYS A 443 -1.36 -0.20 32.54
CA LYS A 443 -1.81 0.84 33.48
C LYS A 443 -0.63 1.62 34.04
N PHE A 444 0.43 0.93 34.43
CA PHE A 444 1.64 1.60 34.89
C PHE A 444 2.18 2.60 33.88
N VAL A 445 2.37 2.18 32.61
CA VAL A 445 2.99 3.14 31.66
C VAL A 445 2.01 4.25 31.31
N ALA A 446 0.74 3.91 31.16
CA ALA A 446 -0.30 4.91 30.92
C ALA A 446 -0.24 6.02 31.97
N GLU A 447 -0.02 5.65 33.24
CA GLU A 447 0.01 6.70 34.25
C GLU A 447 1.38 7.37 34.31
N GLN A 448 2.46 6.61 34.14
CA GLN A 448 3.80 7.12 34.44
C GLN A 448 4.41 7.95 33.32
N ALA A 449 3.96 7.77 32.09
CA ALA A 449 4.63 8.45 30.98
C ALA A 449 4.30 9.93 30.99
N GLN A 450 5.27 10.75 30.61
CA GLN A 450 5.16 12.18 30.71
C GLN A 450 5.03 12.83 29.33
N ALA A 451 4.67 14.11 29.35
CA ALA A 451 4.64 14.93 28.15
C ALA A 451 5.93 14.75 27.36
N GLY A 452 5.79 14.51 26.06
CA GLY A 452 6.93 14.30 25.18
C GLY A 452 7.40 12.87 25.10
N ASP A 453 6.77 11.94 25.81
CA ASP A 453 7.12 10.52 25.81
C ASP A 453 6.38 9.79 24.71
N ILE A 454 7.01 8.73 24.20
CA ILE A 454 6.36 7.78 23.32
C ILE A 454 6.52 6.41 23.96
N VAL A 455 5.43 5.66 24.03
CA VAL A 455 5.38 4.37 24.68
C VAL A 455 5.04 3.33 23.63
N VAL A 456 5.92 2.35 23.42
CA VAL A 456 5.62 1.22 22.54
C VAL A 456 5.14 0.07 23.41
N ILE A 457 3.94 -0.43 23.12
CA ILE A 457 3.42 -1.68 23.67
C ILE A 457 3.55 -2.73 22.57
N ALA A 458 4.49 -3.65 22.74
CA ALA A 458 4.88 -4.55 21.68
C ALA A 458 4.41 -5.96 21.98
N GLY A 459 4.27 -6.75 20.93
CA GLY A 459 4.14 -8.19 21.04
C GLY A 459 2.83 -8.75 20.56
N LYS A 460 1.78 -7.94 20.52
CA LYS A 460 0.45 -8.42 20.17
C LYS A 460 -0.11 -7.75 18.95
N GLY A 461 0.07 -6.45 18.82
CA GLY A 461 -0.61 -5.72 17.77
C GLY A 461 -2.13 -5.94 17.89
N HIS A 462 -2.70 -6.55 16.84
CA HIS A 462 -4.13 -6.81 16.80
C HIS A 462 -4.52 -8.14 17.43
N GLU A 463 -3.56 -8.96 17.81
CA GLU A 463 -3.89 -10.16 18.58
C GLU A 463 -4.67 -9.76 19.83
N ASN A 464 -5.92 -10.21 19.97
CA ASN A 464 -6.72 -9.80 21.11
C ASN A 464 -6.93 -10.92 22.12
N TYR A 465 -5.89 -11.68 22.42
CA TYR A 465 -5.98 -12.58 23.56
C TYR A 465 -4.66 -12.62 24.33
N GLN A 466 -4.74 -13.19 25.53
CA GLN A 466 -3.59 -13.49 26.37
C GLN A 466 -3.74 -14.93 26.83
N GLU A 467 -2.82 -15.79 26.39
CA GLU A 467 -2.93 -17.22 26.60
C GLU A 467 -2.27 -17.58 27.92
N ILE A 468 -3.06 -18.13 28.85
CA ILE A 468 -2.57 -18.63 30.12
C ILE A 468 -3.23 -19.98 30.41
N ASN A 469 -2.42 -20.97 30.76
CA ASN A 469 -2.87 -22.30 31.18
C ASN A 469 -3.62 -23.06 30.08
N GLY A 470 -3.40 -22.71 28.83
CA GLY A 470 -4.14 -23.30 27.74
C GLY A 470 -5.38 -22.54 27.35
N VAL A 471 -5.67 -21.44 28.04
CA VAL A 471 -6.89 -20.69 27.85
C VAL A 471 -6.53 -19.34 27.24
N ARG A 472 -7.19 -18.99 26.14
CA ARG A 472 -7.05 -17.68 25.53
C ARG A 472 -8.06 -16.74 26.19
N HIS A 473 -7.57 -15.81 27.00
CA HIS A 473 -8.46 -14.82 27.58
C HIS A 473 -8.52 -13.60 26.70
N TRP A 474 -9.69 -12.99 26.63
CA TRP A 474 -9.86 -11.74 25.89
C TRP A 474 -8.87 -10.72 26.45
N PHE A 475 -8.00 -10.19 25.59
CA PHE A 475 -7.02 -9.20 26.01
C PHE A 475 -6.64 -8.36 24.81
N ASP A 476 -6.92 -7.06 24.87
CA ASP A 476 -6.65 -6.16 23.76
C ASP A 476 -5.80 -5.00 24.25
N ASP A 477 -4.58 -4.86 23.69
CA ASP A 477 -3.67 -3.82 24.18
C ASP A 477 -4.28 -2.44 24.00
N VAL A 478 -4.88 -2.18 22.83
CA VAL A 478 -5.45 -0.85 22.58
C VAL A 478 -6.60 -0.57 23.53
N VAL A 479 -7.44 -1.58 23.80
CA VAL A 479 -8.55 -1.39 24.73
C VAL A 479 -8.00 -1.02 26.11
N GLU A 480 -6.96 -1.73 26.56
CA GLU A 480 -6.40 -1.44 27.87
C GLU A 480 -5.77 -0.05 27.91
N VAL A 481 -5.06 0.35 26.85
CA VAL A 481 -4.47 1.69 26.82
C VAL A 481 -5.55 2.76 26.94
N ARG A 482 -6.62 2.63 26.14
CA ARG A 482 -7.68 3.63 26.16
C ARG A 482 -8.45 3.62 27.49
N SER A 483 -8.73 2.44 28.06
CA SER A 483 -9.29 2.38 29.41
C SER A 483 -8.45 3.16 30.40
N ALA A 484 -7.15 2.86 30.46
CA ALA A 484 -6.31 3.52 31.45
C ALA A 484 -6.31 5.02 31.26
N ILE A 485 -6.22 5.46 30.01
CA ILE A 485 -6.22 6.89 29.72
C ILE A 485 -7.53 7.54 30.15
N ASP A 486 -8.66 6.86 29.89
CA ASP A 486 -9.97 7.34 30.30
C ASP A 486 -10.06 7.46 31.82
N ALA A 487 -9.67 6.40 32.52
CA ALA A 487 -9.59 6.43 33.97
C ALA A 487 -8.79 7.63 34.47
N GLN A 488 -7.77 8.08 33.71
CA GLN A 488 -7.02 9.24 34.16
C GLN A 488 -7.81 10.55 34.09
N HIS A 489 -8.69 10.70 33.08
CA HIS A 489 -9.50 11.90 32.93
C HIS A 489 -10.81 11.84 33.71
N HIS A 490 -10.91 10.93 34.67
CA HIS A 490 -12.17 10.64 35.36
C HIS A 490 -11.95 10.64 36.86
N THR A 491 -13.03 10.92 37.59
CA THR A 491 -12.99 10.85 39.05
C THR A 491 -14.14 9.99 39.56
#